data_5SVQ
#
_entry.id   5SVQ
#
_cell.length_a   120.450
_cell.length_b   120.450
_cell.length_c   235.990
_cell.angle_alpha   90.00
_cell.angle_beta   90.00
_cell.angle_gamma   120.00
#
_symmetry.space_group_name_H-M   'H 3 2'
#
loop_
_entity.id
_entity.type
_entity.pdbx_description
1 polymer 'P2X purinoceptor 3'
2 non-polymer 2-acetamido-2-deoxy-beta-D-glucopyranose
3 non-polymer 'SODIUM ION'
4 non-polymer 'MAGNESIUM ION'
5 non-polymer "SPIRO(2,4,6-TRINITROBENZENE[1,2A]-2O',3O'-METHYLENE-ADENINE-TRIPHOSPHATE"
6 water water
#
_entity_poly.entity_id   1
_entity_poly.type   'polypeptide(L)'
_entity_poly.pdbx_seq_one_letter_code
;GSRADFFTYETPKVIVVKSWTIGIINRVVQLLIISYFVGWVFLHEKAYQVRDTAIESSVVTKVKGSGLYANRVMDVSDYV
TPPQGTSVFVIITKMIVTENQMQGFCPESEEKYRCVSDSQCGPERLPGGGILTGRCVNYSSVLRTCEIQGWCPTEVDTVE
TPIMMEAENFTIFIKNSIRFPLFNFEKGNLLPNLTARDMKTCRFHPDKDPFCPILRVGDVVKFAGQDFAKLARTGGVLGI
KIGWVCDLDKAWDQCIPKYSFTRLDSVSEKSSVSPGYNFRFAKYYKMENGSEYRTLLKAFGIRFDVLVYGNAGKFNIIPT
IISSVAAFTSVGVGTVLCDIILLNFLKGADQYKAKKFEEVNET
;
_entity_poly.pdbx_strand_id   A
#
# COMPACT_ATOMS: atom_id res chain seq x y z
N TRP A 20 -60.74 28.58 2.23
CA TRP A 20 -60.33 29.13 0.94
C TRP A 20 -59.50 28.11 0.16
N THR A 21 -59.74 28.06 -1.15
CA THR A 21 -59.00 27.11 -1.99
C THR A 21 -57.52 27.46 -2.08
N ILE A 22 -57.18 28.75 -2.03
CA ILE A 22 -55.78 29.14 -2.12
C ILE A 22 -54.99 28.55 -0.97
N GLY A 23 -55.60 28.41 0.21
CA GLY A 23 -54.90 27.81 1.33
C GLY A 23 -54.38 26.42 1.02
N ILE A 24 -55.17 25.62 0.29
CA ILE A 24 -54.71 24.30 -0.14
C ILE A 24 -53.84 24.38 -1.38
N ILE A 25 -53.95 25.45 -2.17
CA ILE A 25 -53.00 25.65 -3.26
C ILE A 25 -51.66 26.11 -2.71
N ASN A 26 -51.68 26.86 -1.60
CA ASN A 26 -50.44 27.20 -0.93
C ASN A 26 -49.84 25.98 -0.23
N ARG A 27 -50.68 25.18 0.43
CA ARG A 27 -50.20 23.97 1.08
C ARG A 27 -49.72 22.94 0.07
N VAL A 28 -50.46 22.78 -1.03
CA VAL A 28 -50.05 21.82 -2.06
C VAL A 28 -48.71 22.22 -2.67
N VAL A 29 -48.50 23.51 -2.93
CA VAL A 29 -47.21 23.97 -3.43
C VAL A 29 -46.12 23.73 -2.39
N GLN A 30 -46.43 24.03 -1.13
CA GLN A 30 -45.51 23.73 -0.04
C GLN A 30 -45.05 22.27 -0.10
N LEU A 31 -46.03 21.35 -0.20
CA LEU A 31 -45.69 19.93 -0.20
C LEU A 31 -44.91 19.55 -1.44
N LEU A 32 -45.27 20.11 -2.59
CA LEU A 32 -44.55 19.81 -3.82
C LEU A 32 -43.08 20.21 -3.68
N ILE A 33 -42.82 21.47 -3.34
CA ILE A 33 -41.45 21.96 -3.30
C ILE A 33 -40.67 21.27 -2.18
N ILE A 34 -41.16 21.38 -0.95
CA ILE A 34 -40.44 20.81 0.19
C ILE A 34 -40.22 19.31 -0.02
N SER A 35 -41.27 18.58 -0.39
CA SER A 35 -41.12 17.15 -0.62
C SER A 35 -40.14 16.84 -1.74
N TYR A 36 -40.00 17.75 -2.70
CA TYR A 36 -39.02 17.51 -3.76
C TYR A 36 -37.61 17.69 -3.23
N PHE A 37 -37.37 18.74 -2.45
CA PHE A 37 -36.06 18.91 -1.83
C PHE A 37 -35.71 17.69 -0.99
N VAL A 38 -36.56 17.38 -0.02
CA VAL A 38 -36.32 16.21 0.84
C VAL A 38 -36.15 14.97 -0.01
N GLY A 39 -37.04 14.78 -0.99
CA GLY A 39 -36.98 13.58 -1.80
C GLY A 39 -35.66 13.43 -2.53
N TRP A 40 -35.20 14.50 -3.18
CA TRP A 40 -33.92 14.44 -3.89
C TRP A 40 -32.77 14.21 -2.93
N VAL A 41 -32.81 14.84 -1.75
CA VAL A 41 -31.73 14.68 -0.79
C VAL A 41 -31.61 13.23 -0.35
N PHE A 42 -32.71 12.66 0.13
CA PHE A 42 -32.68 11.28 0.60
C PHE A 42 -32.36 10.32 -0.54
N LEU A 43 -32.88 10.59 -1.74
CA LEU A 43 -32.61 9.71 -2.86
C LEU A 43 -31.15 9.78 -3.29
N HIS A 44 -30.50 10.93 -3.07
CA HIS A 44 -29.11 11.08 -3.48
C HIS A 44 -28.17 10.27 -2.58
N GLU A 45 -28.40 10.29 -1.27
CA GLU A 45 -27.51 9.61 -0.36
C GLU A 45 -27.82 8.13 -0.20
N LYS A 46 -28.76 7.60 -0.98
CA LYS A 46 -29.12 6.18 -0.91
C LYS A 46 -29.54 5.79 0.50
N ALA A 47 -30.29 6.67 1.16
CA ALA A 47 -30.71 6.45 2.54
C ALA A 47 -31.59 5.21 2.68
N TYR A 48 -32.08 4.65 1.58
CA TYR A 48 -32.88 3.45 1.59
C TYR A 48 -32.03 2.19 1.51
N GLN A 49 -30.72 2.33 1.58
CA GLN A 49 -29.79 1.23 1.37
C GLN A 49 -29.09 0.88 2.68
N VAL A 50 -29.02 -0.41 2.97
CA VAL A 50 -28.07 -0.91 3.95
C VAL A 50 -26.72 -1.04 3.28
N ARG A 51 -25.66 -0.80 4.04
CA ARG A 51 -24.32 -0.71 3.49
C ARG A 51 -23.44 -1.77 4.15
N ASP A 52 -22.66 -2.48 3.32
CA ASP A 52 -21.67 -3.44 3.77
C ASP A 52 -20.28 -2.85 3.51
N THR A 53 -19.59 -2.49 4.60
CA THR A 53 -18.27 -1.90 4.51
C THR A 53 -17.16 -2.84 4.98
N ALA A 54 -17.45 -4.15 5.05
CA ALA A 54 -16.45 -5.12 5.46
C ALA A 54 -16.07 -6.04 4.30
N ILE A 55 -15.52 -5.46 3.23
CA ILE A 55 -15.15 -6.25 2.07
C ILE A 55 -14.20 -7.37 2.48
N GLU A 56 -14.27 -8.48 1.76
CA GLU A 56 -13.44 -9.66 2.02
C GLU A 56 -12.68 -9.96 0.74
N SER A 57 -11.41 -9.56 0.72
CA SER A 57 -10.62 -9.57 -0.51
C SER A 57 -9.51 -10.59 -0.42
N SER A 58 -9.16 -11.15 -1.57
CA SER A 58 -7.97 -11.96 -1.74
C SER A 58 -7.14 -11.35 -2.86
N VAL A 59 -5.83 -11.25 -2.64
CA VAL A 59 -4.93 -10.60 -3.59
C VAL A 59 -3.80 -11.57 -3.94
N VAL A 60 -3.62 -11.80 -5.24
CA VAL A 60 -2.49 -12.57 -5.73
C VAL A 60 -1.74 -11.71 -6.74
N THR A 61 -0.47 -11.45 -6.47
CA THR A 61 0.34 -10.59 -7.31
C THR A 61 1.47 -11.39 -7.95
N LYS A 62 1.86 -10.97 -9.15
CA LYS A 62 2.96 -11.60 -9.89
C LYS A 62 3.77 -10.53 -10.60
N VAL A 63 5.06 -10.46 -10.30
CA VAL A 63 5.95 -9.50 -10.94
C VAL A 63 6.72 -10.23 -12.04
N LYS A 64 6.93 -9.54 -13.16
CA LYS A 64 7.66 -10.11 -14.29
C LYS A 64 8.64 -9.05 -14.81
N GLY A 65 9.86 -9.49 -15.07
CA GLY A 65 10.90 -8.62 -15.61
C GLY A 65 12.27 -9.11 -15.20
N SER A 66 13.29 -8.54 -15.86
CA SER A 66 14.69 -8.83 -15.52
C SER A 66 15.52 -7.56 -15.61
N GLY A 67 16.48 -7.43 -14.69
CA GLY A 67 17.33 -6.25 -14.62
C GLY A 67 18.79 -6.64 -14.52
N LEU A 68 19.65 -5.62 -14.58
CA LEU A 68 21.09 -5.81 -14.45
C LEU A 68 21.60 -4.99 -13.27
N TYR A 69 22.30 -5.65 -12.36
CA TYR A 69 22.90 -5.01 -11.20
C TYR A 69 24.33 -5.48 -11.02
N ALA A 70 25.29 -4.55 -11.03
CA ALA A 70 26.71 -4.91 -11.03
C ALA A 70 27.01 -5.68 -12.31
N ASN A 71 27.60 -6.88 -12.23
CA ASN A 71 27.74 -7.76 -13.37
C ASN A 71 26.85 -8.98 -13.22
N ARG A 72 25.70 -8.77 -12.60
CA ARG A 72 24.72 -9.81 -12.32
C ARG A 72 23.39 -9.49 -12.99
N VAL A 73 22.62 -10.55 -13.25
CA VAL A 73 21.30 -10.46 -13.84
C VAL A 73 20.32 -10.82 -12.75
N MET A 74 19.33 -9.96 -12.51
CA MET A 74 18.34 -10.21 -11.48
C MET A 74 17.03 -10.61 -12.13
N ASP A 75 16.50 -11.75 -11.73
CA ASP A 75 15.19 -12.24 -12.16
C ASP A 75 14.25 -12.25 -10.96
N VAL A 76 13.00 -12.66 -11.23
CA VAL A 76 11.97 -12.58 -10.19
C VAL A 76 12.41 -13.29 -8.92
N SER A 77 13.24 -14.33 -9.04
CA SER A 77 13.74 -15.02 -7.86
C SER A 77 14.81 -14.23 -7.10
N ASP A 78 15.38 -13.19 -7.70
CA ASP A 78 16.48 -12.46 -7.07
C ASP A 78 16.05 -11.18 -6.38
N TYR A 79 15.07 -10.46 -6.92
CA TYR A 79 14.72 -9.15 -6.39
C TYR A 79 13.32 -9.09 -5.77
N VAL A 80 12.47 -10.09 -6.01
CA VAL A 80 11.13 -10.09 -5.45
C VAL A 80 11.13 -10.88 -4.14
N THR A 81 10.60 -10.26 -3.09
CA THR A 81 10.51 -10.89 -1.79
C THR A 81 9.30 -10.36 -1.02
N PRO A 82 8.42 -11.25 -0.55
CA PRO A 82 8.46 -12.71 -0.67
C PRO A 82 8.09 -13.19 -2.05
N PRO A 83 8.25 -14.49 -2.27
CA PRO A 83 8.07 -15.02 -3.62
C PRO A 83 6.63 -15.41 -3.90
N GLN A 84 5.85 -15.63 -2.84
CA GLN A 84 4.54 -16.27 -2.99
C GLN A 84 3.52 -15.37 -3.69
N GLY A 85 3.79 -14.08 -3.85
CA GLY A 85 2.83 -13.20 -4.49
C GLY A 85 1.73 -12.73 -3.56
N THR A 86 2.12 -12.20 -2.40
CA THR A 86 1.16 -11.70 -1.42
C THR A 86 0.73 -10.28 -1.78
N SER A 87 -0.08 -9.68 -0.91
CA SER A 87 -0.54 -8.31 -1.13
C SER A 87 0.54 -7.29 -0.85
N VAL A 88 1.56 -7.66 -0.09
CA VAL A 88 2.71 -6.80 0.15
C VAL A 88 3.96 -7.52 -0.36
N PHE A 89 4.66 -6.90 -1.31
CA PHE A 89 5.89 -7.48 -1.81
C PHE A 89 6.87 -6.36 -2.10
N VAL A 90 8.12 -6.75 -2.34
CA VAL A 90 9.22 -5.80 -2.49
C VAL A 90 10.00 -6.16 -3.75
N ILE A 91 10.23 -5.16 -4.59
CA ILE A 91 11.12 -5.28 -5.73
C ILE A 91 12.42 -4.60 -5.33
N ILE A 92 13.48 -5.38 -5.13
CA ILE A 92 14.77 -4.84 -4.71
C ILE A 92 15.43 -4.13 -5.87
N THR A 93 15.78 -2.86 -5.66
CA THR A 93 16.45 -2.04 -6.68
C THR A 93 17.91 -1.79 -6.38
N LYS A 94 18.27 -1.63 -5.11
CA LYS A 94 19.65 -1.46 -4.70
C LYS A 94 19.92 -2.29 -3.47
N MET A 95 21.16 -2.75 -3.32
CA MET A 95 21.54 -3.56 -2.17
C MET A 95 23.01 -3.34 -1.83
N ILE A 96 23.35 -3.67 -0.59
CA ILE A 96 24.72 -3.59 -0.08
C ILE A 96 25.11 -4.97 0.41
N VAL A 97 26.19 -5.51 -0.12
CA VAL A 97 26.63 -6.86 0.19
C VAL A 97 27.86 -6.78 1.09
N THR A 98 27.89 -7.63 2.11
CA THR A 98 29.05 -7.82 2.97
C THR A 98 29.28 -9.33 2.97
N GLU A 99 30.24 -9.79 2.17
CA GLU A 99 30.38 -11.21 1.88
C GLU A 99 31.28 -11.90 2.89
N ASN A 100 30.97 -13.16 3.17
CA ASN A 100 31.85 -14.05 3.92
C ASN A 100 32.07 -13.58 5.36
N GLN A 101 30.98 -13.19 6.02
CA GLN A 101 31.06 -12.88 7.44
C GLN A 101 31.20 -14.17 8.26
N MET A 102 31.79 -14.04 9.44
CA MET A 102 31.96 -15.16 10.34
C MET A 102 32.02 -14.69 11.78
N GLN A 103 31.41 -15.47 12.67
CA GLN A 103 31.44 -15.13 14.09
C GLN A 103 32.87 -14.91 14.55
N GLY A 104 33.08 -13.91 15.39
CA GLY A 104 34.40 -13.63 15.93
C GLY A 104 34.44 -12.26 16.59
N PHE A 105 35.65 -11.70 16.65
CA PHE A 105 35.87 -10.38 17.22
C PHE A 105 36.44 -9.47 16.14
N CYS A 106 35.99 -8.23 16.13
CA CYS A 106 36.52 -7.25 15.18
C CYS A 106 36.11 -5.86 15.64
N PRO A 107 36.82 -4.83 15.20
CA PRO A 107 36.45 -3.45 15.56
C PRO A 107 35.29 -2.97 14.70
N GLU A 108 34.23 -2.50 15.35
CA GLU A 108 33.11 -1.90 14.63
C GLU A 108 33.58 -0.71 13.80
N SER A 109 33.02 -0.57 12.60
CA SER A 109 33.37 0.52 11.70
C SER A 109 32.50 1.76 11.87
N GLU A 110 31.42 1.68 12.64
CA GLU A 110 30.57 2.85 12.86
C GLU A 110 31.26 3.87 13.78
N GLU A 111 31.31 5.12 13.32
CA GLU A 111 31.96 6.17 14.10
C GLU A 111 31.30 6.35 15.46
N LYS A 112 29.97 6.20 15.53
CA LYS A 112 29.26 6.36 16.80
C LYS A 112 29.85 5.51 17.90
N TYR A 113 30.60 4.46 17.55
CA TYR A 113 31.25 3.59 18.51
C TYR A 113 32.66 4.05 18.84
N ARG A 114 33.03 5.26 18.43
CA ARG A 114 34.40 5.72 18.65
C ARG A 114 34.74 5.69 20.14
N CYS A 115 35.97 5.29 20.43
CA CYS A 115 36.43 5.19 21.81
C CYS A 115 37.85 5.72 21.89
N VAL A 116 38.24 6.08 23.11
CA VAL A 116 39.62 6.42 23.42
C VAL A 116 40.27 5.36 24.28
N SER A 117 39.53 4.69 25.15
CA SER A 117 40.06 3.62 25.98
C SER A 117 38.94 2.66 26.32
N ASP A 118 39.33 1.49 26.82
CA ASP A 118 38.39 0.42 27.12
C ASP A 118 37.42 0.83 28.22
N SER A 119 37.62 2.02 28.79
CA SER A 119 36.76 2.50 29.86
C SER A 119 35.43 3.03 29.35
N GLN A 120 35.35 3.36 28.06
CA GLN A 120 34.12 3.83 27.45
C GLN A 120 33.54 2.82 26.45
N CYS A 121 33.89 1.54 26.60
CA CYS A 121 33.31 0.47 25.81
C CYS A 121 32.58 -0.54 26.69
N GLY A 122 32.01 -0.08 27.81
CA GLY A 122 31.27 -0.94 28.71
C GLY A 122 29.81 -1.08 28.34
N PRO A 123 29.09 -1.95 29.07
CA PRO A 123 27.68 -2.19 28.73
C PRO A 123 26.82 -0.94 28.86
N GLU A 124 27.25 0.03 29.67
CA GLU A 124 26.48 1.24 29.86
C GLU A 124 26.44 2.10 28.61
N ARG A 125 27.36 1.86 27.67
CA ARG A 125 27.46 2.67 26.47
C ARG A 125 26.66 2.05 25.34
N LEU A 126 25.90 2.87 24.64
CA LEU A 126 25.05 2.45 23.55
C LEU A 126 24.24 1.21 23.89
N PRO A 127 23.28 1.31 24.82
CA PRO A 127 22.57 0.10 25.24
C PRO A 127 21.85 -0.46 24.02
N GLY A 128 22.04 -1.75 23.78
CA GLY A 128 21.47 -2.35 22.60
C GLY A 128 22.44 -2.19 21.45
N GLY A 129 22.06 -2.70 20.29
CA GLY A 129 22.98 -2.63 19.17
C GLY A 129 23.89 -3.85 19.25
N GLY A 130 25.11 -3.78 18.73
CA GLY A 130 25.94 -4.95 18.77
C GLY A 130 26.48 -5.29 20.16
N ILE A 131 27.21 -6.40 20.19
CA ILE A 131 27.83 -6.93 21.40
C ILE A 131 29.24 -6.36 21.58
N LEU A 132 29.46 -5.58 22.65
CA LEU A 132 30.78 -5.01 22.87
C LEU A 132 31.61 -5.98 23.70
N THR A 133 32.84 -6.25 23.24
CA THR A 133 33.73 -7.12 24.00
C THR A 133 34.30 -6.44 25.24
N GLY A 134 34.43 -5.11 25.18
CA GLY A 134 35.04 -4.33 26.24
C GLY A 134 36.41 -3.79 25.90
N ARG A 135 36.94 -4.12 24.73
CA ARG A 135 38.24 -3.63 24.29
C ARG A 135 38.03 -2.50 23.28
N CYS A 136 38.88 -1.50 23.36
CA CYS A 136 38.94 -0.44 22.36
C CYS A 136 40.04 -0.82 21.36
N VAL A 137 39.65 -1.08 20.12
CA VAL A 137 40.57 -1.58 19.11
C VAL A 137 40.57 -0.63 17.93
N ASN A 138 41.56 -0.79 17.05
CA ASN A 138 41.75 0.09 15.90
C ASN A 138 41.12 -0.56 14.67
N TYR A 139 39.92 -0.11 14.32
CA TYR A 139 39.31 -0.56 13.07
C TYR A 139 40.22 -0.22 11.89
N SER A 140 40.63 1.03 11.81
CA SER A 140 41.58 1.46 10.80
C SER A 140 42.59 2.38 11.47
N SER A 141 43.47 2.98 10.66
CA SER A 141 44.42 3.96 11.17
C SER A 141 43.79 5.30 11.48
N VAL A 142 42.62 5.60 10.91
CA VAL A 142 41.97 6.89 11.13
C VAL A 142 40.84 6.82 12.12
N LEU A 143 40.44 5.63 12.55
CA LEU A 143 39.33 5.48 13.48
C LEU A 143 39.65 4.40 14.51
N ARG A 144 39.18 4.64 15.73
CA ARG A 144 39.34 3.71 16.84
C ARG A 144 37.97 3.48 17.44
N THR A 145 37.51 2.24 17.41
CA THR A 145 36.15 1.90 17.81
C THR A 145 36.20 0.75 18.80
N CYS A 146 35.09 0.58 19.51
CA CYS A 146 34.94 -0.55 20.41
C CYS A 146 34.95 -1.85 19.62
N GLU A 147 35.64 -2.86 20.14
CA GLU A 147 35.60 -4.18 19.51
C GLU A 147 34.32 -4.89 19.90
N ILE A 148 33.83 -5.73 18.97
CA ILE A 148 32.58 -6.43 19.17
C ILE A 148 32.71 -7.88 18.75
N GLN A 149 31.85 -8.71 19.33
CA GLN A 149 31.74 -10.12 18.96
C GLN A 149 30.51 -10.27 18.07
N GLY A 150 30.69 -10.92 16.92
CA GLY A 150 29.61 -11.05 15.97
C GLY A 150 30.17 -11.36 14.59
N TRP A 151 29.36 -11.07 13.58
CA TRP A 151 29.74 -11.35 12.20
C TRP A 151 30.83 -10.37 11.77
N CYS A 152 32.00 -10.90 11.44
CA CYS A 152 33.14 -10.09 11.04
C CYS A 152 33.57 -10.45 9.62
N PRO A 153 34.01 -9.44 8.87
CA PRO A 153 34.09 -8.06 9.36
C PRO A 153 32.73 -7.42 9.53
N THR A 154 32.71 -6.19 10.06
CA THR A 154 31.44 -5.52 10.27
C THR A 154 30.98 -4.83 8.99
N GLU A 155 29.72 -4.43 8.99
CA GLU A 155 29.14 -3.79 7.82
C GLU A 155 29.53 -2.32 7.73
N VAL A 156 29.69 -1.87 6.50
CA VAL A 156 29.97 -0.47 6.19
C VAL A 156 28.82 -0.01 5.29
N ASP A 157 27.78 0.56 5.90
CA ASP A 157 26.56 0.95 5.19
C ASP A 157 26.59 2.40 4.74
N THR A 158 27.76 3.02 4.64
CA THR A 158 27.90 4.39 4.19
C THR A 158 28.43 4.53 2.77
N VAL A 159 28.67 3.43 2.06
CA VAL A 159 29.15 3.50 0.67
C VAL A 159 27.98 3.74 -0.27
N GLU A 160 28.29 4.10 -1.52
CA GLU A 160 27.30 4.33 -2.57
C GLU A 160 27.34 3.18 -3.57
N THR A 161 26.17 2.67 -3.94
CA THR A 161 26.04 1.55 -4.86
C THR A 161 25.06 1.88 -5.98
N PRO A 162 25.12 1.13 -7.09
CA PRO A 162 24.21 1.41 -8.22
C PRO A 162 22.78 0.99 -7.91
N ILE A 163 21.86 1.29 -8.83
CA ILE A 163 20.48 0.87 -8.70
C ILE A 163 20.08 0.16 -9.98
N MET A 164 19.18 -0.81 -9.85
CA MET A 164 18.71 -1.59 -10.98
C MET A 164 17.66 -0.77 -11.69
N MET A 165 18.01 -0.25 -12.87
CA MET A 165 17.10 0.63 -13.58
C MET A 165 16.00 -0.14 -14.31
N GLU A 166 16.31 -1.35 -14.76
CA GLU A 166 15.29 -2.15 -15.45
C GLU A 166 14.05 -2.38 -14.61
N ALA A 167 14.17 -2.27 -13.27
CA ALA A 167 13.02 -2.48 -12.42
C ALA A 167 11.88 -1.52 -12.73
N GLU A 168 12.18 -0.39 -13.36
CA GLU A 168 11.13 0.56 -13.75
C GLU A 168 10.19 -0.04 -14.79
N ASN A 169 10.72 -0.93 -15.61
CA ASN A 169 9.98 -1.53 -16.70
C ASN A 169 9.33 -2.84 -16.33
N PHE A 170 9.48 -3.28 -15.09
CA PHE A 170 8.82 -4.50 -14.65
C PHE A 170 7.32 -4.30 -14.62
N THR A 171 6.59 -5.41 -14.66
CA THR A 171 5.14 -5.36 -14.66
C THR A 171 4.62 -6.12 -13.46
N ILE A 172 3.59 -5.55 -12.83
CA ILE A 172 2.91 -6.15 -11.69
C ILE A 172 1.51 -6.51 -12.12
N PHE A 173 1.18 -7.79 -12.00
CA PHE A 173 -0.15 -8.28 -12.34
C PHE A 173 -0.87 -8.59 -11.04
N ILE A 174 -2.01 -7.94 -10.84
CA ILE A 174 -2.74 -7.99 -9.57
C ILE A 174 -4.07 -8.67 -9.85
N LYS A 175 -4.23 -9.87 -9.32
CA LYS A 175 -5.53 -10.56 -9.34
C LYS A 175 -6.19 -10.38 -7.99
N ASN A 176 -7.38 -9.77 -7.97
CA ASN A 176 -8.07 -9.42 -6.75
C ASN A 176 -9.47 -10.01 -6.79
N SER A 177 -9.82 -10.79 -5.77
CA SER A 177 -11.10 -11.49 -5.70
C SER A 177 -11.75 -11.15 -4.36
N ILE A 178 -12.83 -10.38 -4.40
CA ILE A 178 -13.44 -9.82 -3.21
C ILE A 178 -14.85 -10.37 -3.06
N ARG A 179 -15.46 -10.08 -1.92
CA ARG A 179 -16.80 -10.59 -1.60
C ARG A 179 -17.40 -9.71 -0.52
N PHE A 180 -18.63 -9.24 -0.76
CA PHE A 180 -19.39 -8.55 0.26
C PHE A 180 -20.21 -9.58 1.04
N PRO A 181 -19.89 -9.88 2.29
CA PRO A 181 -20.52 -11.02 2.96
C PRO A 181 -21.97 -10.74 3.36
N LEU A 182 -22.25 -9.51 3.78
CA LEU A 182 -23.62 -9.16 4.14
C LEU A 182 -24.60 -9.50 3.02
N PHE A 183 -24.15 -9.41 1.76
CA PHE A 183 -24.98 -9.79 0.62
C PHE A 183 -24.47 -11.03 -0.11
N ASN A 184 -23.32 -11.56 0.27
CA ASN A 184 -22.75 -12.75 -0.36
C ASN A 184 -22.51 -12.50 -1.85
N PHE A 185 -22.07 -11.30 -2.18
CA PHE A 185 -21.85 -10.87 -3.56
C PHE A 185 -20.35 -10.87 -3.81
N GLU A 186 -19.87 -11.90 -4.50
CA GLU A 186 -18.45 -12.06 -4.76
C GLU A 186 -18.15 -11.84 -6.23
N LYS A 187 -17.00 -11.21 -6.51
CA LYS A 187 -16.63 -10.86 -7.88
C LYS A 187 -15.12 -10.74 -7.96
N GLY A 188 -14.62 -10.78 -9.21
CA GLY A 188 -13.20 -10.67 -9.47
C GLY A 188 -12.88 -9.43 -10.31
N ASN A 189 -11.59 -9.12 -10.38
CA ASN A 189 -11.10 -7.95 -11.10
C ASN A 189 -10.54 -8.28 -12.47
N LEU A 190 -10.64 -9.53 -12.91
CA LEU A 190 -10.28 -9.94 -14.26
C LEU A 190 -11.53 -9.80 -15.11
N LEU A 191 -11.62 -8.71 -15.85
CA LEU A 191 -12.81 -8.39 -16.64
C LEU A 191 -12.43 -8.20 -18.10
N PRO A 192 -12.48 -9.27 -18.91
CA PRO A 192 -12.01 -9.14 -20.29
C PRO A 192 -12.86 -8.19 -21.12
N ASN A 193 -14.17 -8.12 -20.81
CA ASN A 193 -15.04 -7.21 -21.56
C ASN A 193 -14.70 -5.76 -21.30
N LEU A 194 -14.24 -5.45 -20.08
CA LEU A 194 -13.96 -4.07 -19.74
C LEU A 194 -12.59 -3.64 -20.24
N THR A 195 -11.72 -4.57 -20.56
CA THR A 195 -10.38 -4.23 -21.03
C THR A 195 -10.43 -4.03 -22.53
N ALA A 196 -9.71 -3.01 -23.01
CA ALA A 196 -9.67 -2.72 -24.44
C ALA A 196 -8.86 -3.75 -25.21
N ARG A 197 -7.69 -4.12 -24.68
CA ARG A 197 -6.78 -5.06 -25.29
C ARG A 197 -6.86 -6.43 -24.64
N ASP A 198 -6.17 -7.39 -25.26
CA ASP A 198 -6.00 -8.72 -24.67
C ASP A 198 -5.43 -8.61 -23.27
N MET A 199 -5.79 -9.59 -22.43
CA MET A 199 -5.30 -9.62 -21.06
C MET A 199 -3.79 -9.84 -21.01
N LYS A 200 -3.26 -10.66 -21.92
CA LYS A 200 -1.84 -10.98 -21.89
C LYS A 200 -0.97 -9.78 -22.24
N THR A 201 -1.50 -8.88 -23.11
CA THR A 201 -0.72 -7.76 -23.62
C THR A 201 -1.22 -6.39 -23.17
N CYS A 202 -2.39 -6.29 -22.52
CA CYS A 202 -2.86 -4.99 -22.09
C CYS A 202 -1.92 -4.39 -21.04
N ARG A 203 -2.19 -3.15 -20.64
CA ARG A 203 -1.36 -2.46 -19.66
C ARG A 203 -2.20 -1.37 -19.03
N PHE A 204 -2.36 -1.41 -17.72
CA PHE A 204 -3.26 -0.47 -17.06
C PHE A 204 -2.90 0.96 -17.40
N HIS A 205 -3.91 1.74 -17.77
CA HIS A 205 -3.78 3.16 -17.94
C HIS A 205 -5.05 3.74 -17.33
N PRO A 206 -4.93 4.72 -16.43
CA PRO A 206 -6.13 5.24 -15.76
C PRO A 206 -7.22 5.65 -16.72
N ASP A 207 -6.85 5.99 -17.96
CA ASP A 207 -7.80 6.46 -18.95
C ASP A 207 -7.98 5.49 -20.11
N LYS A 208 -6.88 4.95 -20.65
CA LYS A 208 -6.99 4.11 -21.84
C LYS A 208 -7.39 2.69 -21.49
N ASP A 209 -6.91 2.17 -20.37
CA ASP A 209 -7.23 0.80 -19.94
C ASP A 209 -7.23 0.72 -18.43
N PRO A 210 -8.29 1.22 -17.81
CA PRO A 210 -8.32 1.31 -16.35
C PRO A 210 -8.75 0.03 -15.66
N PHE A 211 -9.02 -1.02 -16.43
CA PHE A 211 -9.40 -2.32 -15.88
C PHE A 211 -8.42 -3.42 -16.25
N CYS A 212 -7.31 -3.08 -16.90
CA CYS A 212 -6.24 -4.03 -17.17
C CYS A 212 -5.49 -4.34 -15.88
N PRO A 213 -5.37 -5.60 -15.47
CA PRO A 213 -4.71 -5.92 -14.20
C PRO A 213 -3.20 -5.85 -14.23
N ILE A 214 -2.61 -5.57 -15.38
CA ILE A 214 -1.15 -5.54 -15.53
C ILE A 214 -0.70 -4.11 -15.39
N LEU A 215 0.17 -3.84 -14.41
CA LEU A 215 0.66 -2.50 -14.16
C LEU A 215 2.15 -2.45 -14.45
N ARG A 216 2.57 -1.38 -15.12
CA ARG A 216 3.99 -1.15 -15.33
C ARG A 216 4.57 -0.48 -14.08
N VAL A 217 5.65 -1.05 -13.56
CA VAL A 217 6.23 -0.54 -12.34
C VAL A 217 6.45 0.96 -12.45
N GLY A 218 7.13 1.40 -13.51
CA GLY A 218 7.34 2.82 -13.71
C GLY A 218 6.03 3.60 -13.75
N ASP A 219 5.03 3.02 -14.41
CA ASP A 219 3.71 3.65 -14.42
C ASP A 219 3.19 3.84 -13.01
N VAL A 220 3.19 2.76 -12.22
CA VAL A 220 2.74 2.87 -10.83
C VAL A 220 3.55 3.92 -10.09
N VAL A 221 4.84 4.02 -10.40
CA VAL A 221 5.67 5.04 -9.75
C VAL A 221 5.22 6.44 -10.15
N LYS A 222 4.77 6.60 -11.40
CA LYS A 222 4.32 7.91 -11.84
C LYS A 222 2.96 8.25 -11.24
N PHE A 223 2.01 7.31 -11.29
CA PHE A 223 0.70 7.56 -10.72
C PHE A 223 0.76 7.98 -9.25
N ALA A 224 1.80 7.53 -8.53
CA ALA A 224 1.99 7.93 -7.14
C ALA A 224 2.78 9.23 -7.00
N GLY A 225 3.15 9.87 -8.10
CA GLY A 225 3.90 11.11 -8.06
C GLY A 225 5.27 10.97 -7.44
N GLN A 226 6.06 10.03 -7.95
CA GLN A 226 7.37 9.71 -7.42
C GLN A 226 8.37 9.57 -8.55
N ASP A 227 9.62 9.94 -8.26
CA ASP A 227 10.71 9.82 -9.22
C ASP A 227 11.38 8.47 -9.04
N PHE A 228 11.39 7.66 -10.11
CA PHE A 228 11.95 6.33 -10.02
C PHE A 228 13.42 6.37 -9.62
N ALA A 229 14.12 7.45 -9.99
CA ALA A 229 15.53 7.57 -9.62
C ALA A 229 15.69 7.67 -8.10
N LYS A 230 15.10 8.71 -7.51
CA LYS A 230 15.21 8.90 -6.06
C LYS A 230 14.59 7.73 -5.29
N LEU A 231 13.43 7.24 -5.76
CA LEU A 231 12.75 6.16 -5.06
C LEU A 231 13.60 4.89 -5.05
N ALA A 232 14.09 4.48 -6.21
CA ALA A 232 14.97 3.33 -6.26
C ALA A 232 16.24 3.56 -5.43
N ARG A 233 16.71 4.81 -5.38
CA ARG A 233 17.92 5.12 -4.63
C ARG A 233 17.71 4.92 -3.13
N THR A 234 16.62 5.49 -2.58
CA THR A 234 16.36 5.46 -1.14
C THR A 234 15.35 4.39 -0.73
N GLY A 235 14.66 3.78 -1.68
CA GLY A 235 13.59 2.85 -1.37
C GLY A 235 12.35 3.58 -0.89
N GLY A 236 11.21 2.90 -0.89
CA GLY A 236 9.97 3.54 -0.49
C GLY A 236 8.84 2.54 -0.42
N VAL A 237 7.68 3.04 -0.03
CA VAL A 237 6.48 2.22 0.17
C VAL A 237 5.34 2.86 -0.60
N LEU A 238 4.87 2.18 -1.64
CA LEU A 238 3.77 2.63 -2.46
C LEU A 238 2.55 1.74 -2.22
N GLY A 239 1.37 2.33 -2.41
CA GLY A 239 0.13 1.58 -2.25
C GLY A 239 -0.71 1.54 -3.51
N ILE A 240 -0.96 0.34 -4.03
CA ILE A 240 -1.93 0.15 -5.10
C ILE A 240 -3.29 -0.07 -4.46
N LYS A 241 -4.16 0.93 -4.56
CA LYS A 241 -5.46 0.91 -3.89
C LYS A 241 -6.52 0.45 -4.88
N ILE A 242 -7.25 -0.60 -4.51
CA ILE A 242 -8.34 -1.13 -5.29
C ILE A 242 -9.63 -0.80 -4.54
N GLY A 243 -10.50 0.00 -5.16
CA GLY A 243 -11.75 0.42 -4.55
C GLY A 243 -12.93 -0.25 -5.22
N TRP A 244 -13.84 -0.77 -4.39
CA TRP A 244 -15.04 -1.45 -4.84
C TRP A 244 -16.26 -0.76 -4.23
N VAL A 245 -16.59 0.41 -4.76
CA VAL A 245 -17.83 1.09 -4.41
C VAL A 245 -18.91 0.57 -5.36
N CYS A 246 -19.92 -0.08 -4.81
CA CYS A 246 -20.88 -0.79 -5.64
C CYS A 246 -22.29 -0.59 -5.12
N ASP A 247 -23.24 -0.52 -6.05
CA ASP A 247 -24.66 -0.47 -5.76
C ASP A 247 -25.23 -1.84 -6.13
N LEU A 248 -25.38 -2.71 -5.13
CA LEU A 248 -25.87 -4.06 -5.41
C LEU A 248 -27.35 -4.09 -5.80
N ASP A 249 -28.01 -2.93 -5.84
CA ASP A 249 -29.33 -2.84 -6.45
C ASP A 249 -29.24 -2.84 -7.97
N LYS A 250 -28.10 -2.45 -8.52
CA LYS A 250 -27.88 -2.38 -9.95
C LYS A 250 -27.38 -3.73 -10.46
N ALA A 251 -26.96 -3.77 -11.72
CA ALA A 251 -26.54 -5.03 -12.33
C ALA A 251 -25.19 -5.46 -11.76
N TRP A 252 -24.96 -6.78 -11.79
CA TRP A 252 -23.63 -7.29 -11.51
C TRP A 252 -22.57 -6.56 -12.32
N ASP A 253 -22.89 -6.19 -13.58
CA ASP A 253 -21.92 -5.50 -14.42
C ASP A 253 -21.51 -4.15 -13.86
N GLN A 254 -22.29 -3.60 -12.94
CA GLN A 254 -22.05 -2.24 -12.45
C GLN A 254 -21.05 -2.19 -11.31
N CYS A 255 -20.86 -3.30 -10.60
CA CYS A 255 -19.89 -3.37 -9.53
C CYS A 255 -18.49 -3.44 -10.14
N ILE A 256 -17.76 -2.34 -10.09
CA ILE A 256 -16.52 -2.23 -10.84
C ILE A 256 -15.38 -1.76 -9.94
N PRO A 257 -14.17 -2.29 -10.11
CA PRO A 257 -13.05 -1.82 -9.30
C PRO A 257 -12.40 -0.57 -9.89
N LYS A 258 -11.94 0.30 -9.01
CA LYS A 258 -11.24 1.52 -9.40
C LYS A 258 -9.90 1.54 -8.70
N TYR A 259 -8.84 1.72 -9.48
CA TYR A 259 -7.47 1.66 -8.97
C TYR A 259 -6.97 3.07 -8.73
N SER A 260 -6.36 3.28 -7.57
CA SER A 260 -5.66 4.51 -7.24
C SER A 260 -4.29 4.16 -6.67
N PHE A 261 -3.43 5.17 -6.53
CA PHE A 261 -2.05 4.93 -6.15
C PHE A 261 -1.57 6.04 -5.23
N THR A 262 -0.65 5.69 -4.33
CA THR A 262 -0.20 6.61 -3.29
C THR A 262 1.13 6.12 -2.71
N ARG A 263 1.93 7.06 -2.23
CA ARG A 263 3.12 6.74 -1.44
C ARG A 263 2.80 6.81 0.04
N LEU A 264 3.10 5.74 0.76
CA LEU A 264 2.69 5.60 2.15
C LEU A 264 3.74 6.02 3.17
N ASP A 265 5.04 5.95 2.82
CA ASP A 265 6.06 6.41 3.77
C ASP A 265 6.16 7.92 3.80
N SER A 266 5.98 8.58 2.66
CA SER A 266 5.95 10.04 2.57
C SER A 266 7.09 10.69 3.37
N PRO A 275 13.54 9.05 5.50
CA PRO A 275 12.64 8.37 4.56
C PRO A 275 13.29 7.15 3.92
N GLY A 276 12.54 6.47 3.07
CA GLY A 276 13.04 5.30 2.36
C GLY A 276 12.56 4.00 2.98
N TYR A 277 13.08 2.90 2.45
CA TYR A 277 12.71 1.57 2.91
C TYR A 277 13.84 0.59 2.61
N ASN A 278 14.33 -0.09 3.65
CA ASN A 278 15.38 -1.10 3.49
C ASN A 278 15.25 -2.16 4.58
N PHE A 279 15.79 -3.35 4.30
CA PHE A 279 15.76 -4.43 5.29
C PHE A 279 16.98 -5.33 5.04
N ARG A 280 17.35 -6.07 6.08
CA ARG A 280 18.55 -6.89 6.04
C ARG A 280 18.19 -8.36 6.02
N PHE A 281 18.93 -9.14 5.23
CA PHE A 281 18.81 -10.59 5.22
C PHE A 281 20.16 -11.15 4.80
N ALA A 282 20.42 -12.39 5.20
CA ALA A 282 21.71 -13.01 4.92
C ALA A 282 21.50 -14.28 4.12
N LYS A 283 22.53 -14.63 3.35
CA LYS A 283 22.61 -15.91 2.66
C LYS A 283 23.62 -16.77 3.41
N TYR A 284 23.13 -17.88 3.97
CA TYR A 284 23.92 -18.68 4.89
C TYR A 284 24.59 -19.83 4.12
N TYR A 285 25.91 -19.85 4.16
CA TYR A 285 26.72 -20.90 3.56
C TYR A 285 27.51 -21.60 4.66
N LYS A 286 27.90 -22.84 4.38
CA LYS A 286 28.72 -23.61 5.32
C LYS A 286 29.94 -24.17 4.60
N MET A 287 31.05 -24.25 5.34
CA MET A 287 32.31 -24.71 4.80
C MET A 287 32.40 -26.24 4.88
N GLU A 288 33.26 -26.80 4.04
CA GLU A 288 33.45 -28.25 4.07
C GLU A 288 33.88 -28.74 5.44
N ASN A 289 34.70 -27.96 6.15
CA ASN A 289 35.03 -28.33 7.53
C ASN A 289 33.92 -28.04 8.51
N GLY A 290 32.84 -27.39 8.09
CA GLY A 290 31.66 -27.25 8.91
C GLY A 290 31.43 -25.85 9.47
N SER A 291 32.42 -24.97 9.37
CA SER A 291 32.23 -23.62 9.88
C SER A 291 31.21 -22.88 9.02
N GLU A 292 30.54 -21.92 9.65
CA GLU A 292 29.44 -21.20 9.01
C GLU A 292 29.86 -19.79 8.64
N TYR A 293 29.41 -19.35 7.47
CA TYR A 293 29.67 -18.00 7.00
C TYR A 293 28.51 -17.58 6.11
N ARG A 294 28.18 -16.30 6.16
CA ARG A 294 27.01 -15.77 5.47
C ARG A 294 27.42 -14.60 4.59
N THR A 295 26.52 -14.24 3.69
CA THR A 295 26.62 -13.00 2.94
C THR A 295 25.51 -12.09 3.44
N LEU A 296 25.90 -10.98 4.06
CA LEU A 296 24.96 -10.05 4.66
C LEU A 296 24.52 -9.04 3.62
N LEU A 297 23.21 -8.89 3.46
CA LEU A 297 22.63 -8.08 2.39
C LEU A 297 21.69 -7.05 2.98
N LYS A 298 21.97 -5.78 2.73
CA LYS A 298 21.05 -4.69 3.05
C LYS A 298 20.31 -4.31 1.78
N ALA A 299 19.01 -4.52 1.75
CA ALA A 299 18.20 -4.38 0.54
C ALA A 299 17.35 -3.12 0.59
N PHE A 300 17.49 -2.28 -0.43
CA PHE A 300 16.60 -1.15 -0.68
C PHE A 300 15.75 -1.45 -1.91
N GLY A 301 14.44 -1.23 -1.78
CA GLY A 301 13.56 -1.46 -2.90
C GLY A 301 12.24 -0.76 -2.74
N ILE A 302 11.29 -1.11 -3.60
CA ILE A 302 9.96 -0.52 -3.58
C ILE A 302 8.98 -1.58 -3.12
N ARG A 303 8.48 -1.41 -1.91
CA ARG A 303 7.45 -2.30 -1.40
C ARG A 303 6.09 -1.86 -1.92
N PHE A 304 5.31 -2.83 -2.37
CA PHE A 304 3.98 -2.57 -2.92
C PHE A 304 2.94 -3.19 -2.00
N ASP A 305 2.01 -2.37 -1.52
CA ASP A 305 0.94 -2.80 -0.64
C ASP A 305 -0.38 -2.65 -1.38
N VAL A 306 -1.03 -3.78 -1.67
CA VAL A 306 -2.33 -3.76 -2.32
C VAL A 306 -3.39 -3.57 -1.25
N LEU A 307 -4.08 -2.43 -1.28
CA LEU A 307 -5.05 -2.05 -0.27
C LEU A 307 -6.42 -2.07 -0.93
N VAL A 308 -7.23 -3.07 -0.59
CA VAL A 308 -8.53 -3.26 -1.19
C VAL A 308 -9.59 -2.71 -0.24
N TYR A 309 -10.17 -1.58 -0.62
CA TYR A 309 -11.35 -1.04 0.05
C TYR A 309 -12.59 -1.34 -0.80
N GLY A 310 -13.74 -1.30 -0.15
CA GLY A 310 -15.00 -1.48 -0.85
C GLY A 310 -16.21 -1.37 0.04
N ASN A 311 -17.31 -0.85 -0.50
CA ASN A 311 -18.57 -0.83 0.24
C ASN A 311 -19.72 -0.90 -0.75
N ALA A 312 -20.69 -1.76 -0.45
CA ALA A 312 -21.84 -1.98 -1.30
C ALA A 312 -23.11 -1.51 -0.61
N GLY A 313 -24.09 -1.12 -1.41
CA GLY A 313 -25.37 -0.72 -0.89
C GLY A 313 -26.50 -1.46 -1.57
N LYS A 314 -27.33 -2.13 -0.78
CA LYS A 314 -28.48 -2.86 -1.31
C LYS A 314 -29.75 -2.33 -0.65
N PHE A 315 -30.81 -2.19 -1.44
CA PHE A 315 -32.10 -1.75 -0.91
C PHE A 315 -32.49 -2.63 0.28
N ASN A 316 -33.06 -1.99 1.31
CA ASN A 316 -33.50 -2.69 2.50
C ASN A 316 -34.78 -2.05 3.02
N ILE A 317 -35.62 -2.88 3.63
CA ILE A 317 -36.91 -2.39 4.09
C ILE A 317 -36.74 -1.45 5.28
N ILE A 318 -35.82 -1.78 6.19
CA ILE A 318 -35.63 -1.05 7.44
C ILE A 318 -35.11 0.36 7.14
N PRO A 319 -33.99 0.50 6.43
CA PRO A 319 -33.52 1.87 6.11
C PRO A 319 -34.51 2.65 5.27
N THR A 320 -35.29 1.97 4.41
CA THR A 320 -36.28 2.66 3.60
C THR A 320 -37.44 3.16 4.46
N ILE A 321 -37.82 2.39 5.48
CA ILE A 321 -38.89 2.82 6.37
C ILE A 321 -38.42 3.95 7.28
N ILE A 322 -37.21 3.83 7.83
CA ILE A 322 -36.69 4.88 8.71
C ILE A 322 -36.56 6.19 7.95
N SER A 323 -35.97 6.14 6.76
CA SER A 323 -35.87 7.35 5.94
C SER A 323 -37.23 7.88 5.55
N SER A 324 -38.19 6.99 5.29
CA SER A 324 -39.55 7.42 4.95
C SER A 324 -40.16 8.25 6.09
N VAL A 325 -40.23 7.67 7.28
CA VAL A 325 -40.75 8.39 8.45
C VAL A 325 -40.03 9.72 8.61
N ALA A 326 -38.71 9.71 8.40
CA ALA A 326 -37.94 10.94 8.55
C ALA A 326 -38.44 12.01 7.58
N ALA A 327 -38.58 11.64 6.30
CA ALA A 327 -39.01 12.61 5.30
C ALA A 327 -40.46 13.03 5.48
N PHE A 328 -41.32 12.08 5.86
CA PHE A 328 -42.71 12.43 6.12
C PHE A 328 -42.80 13.48 7.22
N THR A 329 -42.23 13.18 8.38
CA THR A 329 -42.27 14.12 9.51
C THR A 329 -41.58 15.42 9.18
N SER A 330 -40.41 15.34 8.53
CA SER A 330 -39.66 16.55 8.22
C SER A 330 -40.47 17.50 7.34
N VAL A 331 -41.16 16.97 6.33
CA VAL A 331 -42.02 17.82 5.52
C VAL A 331 -43.16 18.37 6.37
N GLY A 332 -43.77 17.52 7.20
CA GLY A 332 -44.86 17.97 8.06
C GLY A 332 -44.49 19.12 8.98
N VAL A 333 -43.23 19.18 9.41
CA VAL A 333 -42.79 20.31 10.22
C VAL A 333 -42.40 21.49 9.35
N GLY A 334 -41.77 21.22 8.21
CA GLY A 334 -41.37 22.30 7.33
C GLY A 334 -42.55 23.09 6.81
N THR A 335 -43.69 22.42 6.59
CA THR A 335 -44.89 23.13 6.15
C THR A 335 -45.45 24.02 7.25
N VAL A 336 -45.41 23.55 8.50
CA VAL A 336 -45.86 24.38 9.62
C VAL A 336 -44.94 25.59 9.78
N LEU A 337 -43.62 25.35 9.80
CA LEU A 337 -42.68 26.44 9.95
C LEU A 337 -42.78 27.42 8.78
N CYS A 338 -42.99 26.90 7.56
CA CYS A 338 -43.11 27.78 6.42
C CYS A 338 -44.41 28.57 6.45
N ASP A 339 -45.49 27.98 6.98
CA ASP A 339 -46.69 28.76 7.19
C ASP A 339 -46.44 29.88 8.20
N ILE A 340 -45.74 29.56 9.30
CA ILE A 340 -45.46 30.61 10.29
C ILE A 340 -44.54 31.68 9.71
N ILE A 341 -43.54 31.28 8.92
CA ILE A 341 -42.64 32.28 8.35
C ILE A 341 -43.34 33.09 7.27
N LEU A 342 -44.14 32.43 6.44
CA LEU A 342 -44.82 33.16 5.36
C LEU A 342 -45.99 33.98 5.89
N LEU A 343 -46.92 33.32 6.59
CA LEU A 343 -48.10 34.01 7.08
C LEU A 343 -47.75 35.16 8.02
N ASN A 344 -46.82 34.93 8.94
CA ASN A 344 -46.45 35.98 9.89
C ASN A 344 -45.93 37.23 9.19
N PHE A 345 -45.16 37.05 8.12
CA PHE A 345 -44.63 38.19 7.36
C PHE A 345 -45.75 38.93 6.64
#